data_2IHS
#
_entry.id   2IHS
#
_cell.length_a   80.209
_cell.length_b   80.209
_cell.length_c   159.798
_cell.angle_alpha   90.00
_cell.angle_beta   90.00
_cell.angle_gamma   90.00
#
_symmetry.space_group_name_H-M   'P 41 21 2'
#
loop_
_entity.id
_entity.type
_entity.pdbx_description
1 polymer 'CG2944-PF, isoform F'
2 polymer '20-mer from ATP-dependent RNA helicase vasa'
3 water water
#
loop_
_entity_poly.entity_id
_entity_poly.type
_entity_poly.pdbx_seq_one_letter_code
_entity_poly.pdbx_strand_id
1 'polypeptide(L)'
;GHMRELQADFVKPARIDILLDMPPASRDLQLKHSWNSEDRSLNIFVKEDDKLTFHRHPVAQSTDCIRGKVGLTKGLHIWE
IYWPTRQRGTHAVVGVCTADAPLHSVGYQSLVGSTEQSWGWDLGRNKLYHDSKNCAGVTYPAILKNDEAFLVPDKFLVAL
DMDEGTLSFIVDQQYLGIAFRGLRGKKLYPIVSAVWGHCEITMRYIGGLVDELN
;
A,B
2 'polypeptide(L)' DINNNNNIVEDVERKREFYI C,D
#
# COMPACT_ATOMS: atom_id res chain seq x y z
N LEU A 6 -15.39 -31.11 4.40
CA LEU A 6 -16.27 -31.30 5.58
C LEU A 6 -16.83 -29.95 6.04
N GLN A 7 -16.75 -29.69 7.33
CA GLN A 7 -17.24 -28.45 7.92
C GLN A 7 -16.46 -27.22 7.47
N ALA A 8 -17.12 -26.35 6.70
CA ALA A 8 -16.48 -25.12 6.24
C ALA A 8 -16.48 -24.16 7.43
N ASP A 9 -15.51 -23.25 7.46
CA ASP A 9 -15.41 -22.30 8.57
C ASP A 9 -16.22 -21.02 8.29
N PHE A 10 -17.11 -20.68 9.21
CA PHE A 10 -17.93 -19.48 9.06
C PHE A 10 -17.62 -18.44 10.13
N VAL A 11 -16.52 -18.64 10.86
CA VAL A 11 -16.12 -17.69 11.88
C VAL A 11 -15.67 -16.40 11.20
N LYS A 12 -15.99 -15.26 11.80
CA LYS A 12 -15.60 -13.97 11.23
C LYS A 12 -15.03 -13.10 12.33
N PRO A 13 -14.20 -12.10 11.97
CA PRO A 13 -13.62 -11.22 12.98
C PRO A 13 -14.68 -10.56 13.87
N ALA A 14 -14.35 -10.43 15.15
CA ALA A 14 -15.22 -9.83 16.15
C ALA A 14 -16.03 -8.63 15.71
N ARG A 15 -15.35 -7.60 15.23
CA ARG A 15 -16.02 -6.37 14.79
C ARG A 15 -17.05 -6.61 13.71
N ILE A 16 -16.80 -7.55 12.81
CA ILE A 16 -17.75 -7.84 11.75
C ILE A 16 -18.98 -8.50 12.36
N ASP A 17 -18.76 -9.33 13.38
CA ASP A 17 -19.88 -9.99 14.03
C ASP A 17 -20.74 -8.94 14.71
N ILE A 18 -20.09 -8.02 15.41
CA ILE A 18 -20.79 -6.95 16.11
C ILE A 18 -21.68 -6.18 15.12
N LEU A 19 -21.06 -5.65 14.06
CA LEU A 19 -21.79 -4.90 13.05
C LEU A 19 -22.96 -5.69 12.49
N LEU A 20 -22.69 -6.93 12.07
CA LEU A 20 -23.74 -7.76 11.48
C LEU A 20 -24.82 -8.18 12.48
N ASP A 21 -24.60 -7.88 13.76
CA ASP A 21 -25.58 -8.20 14.80
C ASP A 21 -26.57 -7.06 14.93
N MET A 22 -26.18 -5.88 14.45
CA MET A 22 -27.07 -4.73 14.51
C MET A 22 -28.02 -4.85 13.32
N PRO A 23 -29.15 -4.15 13.37
CA PRO A 23 -30.08 -4.24 12.24
C PRO A 23 -29.50 -3.54 11.00
N PRO A 24 -29.87 -4.00 9.80
CA PRO A 24 -29.33 -3.36 8.60
C PRO A 24 -29.63 -1.87 8.50
N ALA A 25 -28.76 -1.16 7.80
CA ALA A 25 -28.92 0.27 7.62
C ALA A 25 -30.26 0.60 6.96
N SER A 26 -30.82 1.74 7.36
CA SER A 26 -32.09 2.23 6.86
C SER A 26 -32.03 2.60 5.39
N ARG A 27 -33.20 2.68 4.78
CA ARG A 27 -33.31 3.05 3.40
C ARG A 27 -32.54 4.37 3.19
N ASP A 28 -32.76 5.33 4.08
CA ASP A 28 -32.09 6.62 3.98
C ASP A 28 -30.56 6.47 4.01
N LEU A 29 -30.06 5.55 4.84
CA LEU A 29 -28.63 5.35 4.95
C LEU A 29 -28.09 4.69 3.68
N GLN A 30 -28.88 3.77 3.11
CA GLN A 30 -28.48 3.09 1.89
C GLN A 30 -28.36 4.12 0.77
N LEU A 31 -29.37 4.97 0.66
CA LEU A 31 -29.37 6.00 -0.37
C LEU A 31 -28.21 6.96 -0.17
N LYS A 32 -27.90 7.28 1.07
CA LYS A 32 -26.80 8.20 1.35
C LYS A 32 -25.46 7.65 0.83
N HIS A 33 -25.33 6.32 0.84
CA HIS A 33 -24.10 5.64 0.41
C HIS A 33 -24.22 4.93 -0.93
N SER A 34 -25.22 5.27 -1.75
CA SER A 34 -25.37 4.58 -3.03
C SER A 34 -24.48 5.18 -4.12
N TRP A 35 -24.61 4.62 -5.32
CA TRP A 35 -23.85 5.07 -6.48
C TRP A 35 -24.09 6.56 -6.67
N ASN A 36 -23.02 7.29 -6.98
CA ASN A 36 -23.15 8.73 -7.20
C ASN A 36 -23.32 9.02 -8.70
N SER A 37 -24.47 9.57 -9.08
CA SER A 37 -24.71 9.86 -10.48
C SER A 37 -23.88 11.05 -10.95
N GLU A 38 -23.29 11.78 -10.01
CA GLU A 38 -22.44 12.92 -10.32
C GLU A 38 -20.96 12.53 -10.40
N ASP A 39 -20.65 11.26 -10.16
CA ASP A 39 -19.27 10.79 -10.19
C ASP A 39 -19.22 9.43 -10.89
N ARG A 40 -19.47 9.45 -12.20
CA ARG A 40 -19.52 8.23 -12.98
C ARG A 40 -19.00 8.37 -14.40
N SER A 41 -18.77 7.23 -15.04
CA SER A 41 -18.35 7.18 -16.43
C SER A 41 -19.62 7.52 -17.17
N LEU A 42 -19.53 8.39 -18.18
CA LEU A 42 -20.73 8.77 -18.90
C LEU A 42 -21.41 7.61 -19.61
N ASN A 43 -20.71 6.49 -19.73
CA ASN A 43 -21.28 5.31 -20.37
C ASN A 43 -22.16 4.53 -19.39
N ILE A 44 -22.21 5.00 -18.14
CA ILE A 44 -23.03 4.36 -17.12
C ILE A 44 -24.06 5.36 -16.60
N PHE A 45 -25.22 4.85 -16.17
CA PHE A 45 -26.26 5.71 -15.60
C PHE A 45 -27.00 4.99 -14.47
N VAL A 46 -27.32 5.74 -13.42
CA VAL A 46 -28.03 5.18 -12.28
C VAL A 46 -29.51 5.06 -12.63
N LYS A 47 -30.07 3.87 -12.44
CA LYS A 47 -31.48 3.63 -12.75
C LYS A 47 -32.42 4.57 -12.01
N GLU A 48 -33.22 5.29 -12.79
CA GLU A 48 -34.19 6.26 -12.31
C GLU A 48 -35.14 5.69 -11.27
N ASP A 49 -35.54 4.44 -11.46
CA ASP A 49 -36.47 3.77 -10.57
C ASP A 49 -35.80 2.88 -9.50
N ASP A 50 -34.49 3.05 -9.31
CA ASP A 50 -33.74 2.27 -8.33
C ASP A 50 -32.37 2.93 -8.18
N LYS A 51 -32.28 3.90 -7.28
CA LYS A 51 -31.03 4.62 -7.07
C LYS A 51 -29.89 3.73 -6.58
N LEU A 52 -30.17 2.48 -6.24
CA LEU A 52 -29.11 1.60 -5.75
C LEU A 52 -28.42 0.81 -6.85
N THR A 53 -29.03 0.82 -8.04
CA THR A 53 -28.52 0.07 -9.18
C THR A 53 -28.08 0.98 -10.33
N PHE A 54 -26.96 0.64 -10.99
CA PHE A 54 -26.51 1.42 -12.14
C PHE A 54 -26.58 0.54 -13.38
N HIS A 55 -26.69 1.17 -14.56
CA HIS A 55 -26.76 0.45 -15.82
C HIS A 55 -25.64 0.92 -16.75
N ARG A 56 -25.03 -0.03 -17.48
CA ARG A 56 -23.96 0.32 -18.41
C ARG A 56 -24.41 0.26 -19.87
N HIS A 57 -24.25 1.35 -20.61
CA HIS A 57 -24.63 1.34 -22.01
C HIS A 57 -23.72 0.29 -22.68
N PRO A 58 -24.21 -0.34 -23.75
CA PRO A 58 -23.44 -1.36 -24.48
C PRO A 58 -22.32 -0.87 -25.40
N VAL A 59 -21.52 0.06 -24.89
CA VAL A 59 -20.41 0.65 -25.64
C VAL A 59 -19.26 -0.34 -25.86
N ALA A 60 -18.83 -0.46 -27.11
CA ALA A 60 -17.74 -1.37 -27.46
C ALA A 60 -16.36 -0.87 -27.01
N GLN A 61 -15.46 -1.79 -26.71
CA GLN A 61 -14.10 -1.46 -26.30
C GLN A 61 -14.04 -0.34 -25.26
N SER A 62 -14.80 -0.49 -24.18
CA SER A 62 -14.85 0.51 -23.11
C SER A 62 -15.01 -0.14 -21.74
N THR A 63 -14.19 0.32 -20.79
CA THR A 63 -14.24 -0.16 -19.41
C THR A 63 -14.77 1.05 -18.64
N ASP A 64 -15.85 0.83 -17.88
CA ASP A 64 -16.51 1.92 -17.15
C ASP A 64 -16.72 1.68 -15.66
N CYS A 65 -16.54 2.74 -14.89
CA CYS A 65 -16.68 2.73 -13.44
C CYS A 65 -17.57 3.85 -12.94
N ILE A 66 -18.01 3.71 -11.70
CA ILE A 66 -18.83 4.73 -11.03
C ILE A 66 -18.52 4.59 -9.54
N ARG A 67 -18.37 5.72 -8.85
CA ARG A 67 -18.06 5.73 -7.42
C ARG A 67 -19.28 5.92 -6.52
N GLY A 68 -19.15 5.47 -5.28
CA GLY A 68 -20.21 5.65 -4.30
C GLY A 68 -20.21 7.13 -3.93
N LYS A 69 -21.29 7.60 -3.31
CA LYS A 69 -21.40 9.00 -2.92
C LYS A 69 -20.49 9.37 -1.74
N VAL A 70 -20.21 8.40 -0.88
CA VAL A 70 -19.42 8.71 0.32
C VAL A 70 -18.02 8.13 0.44
N GLY A 71 -17.05 9.02 0.67
CA GLY A 71 -15.67 8.60 0.84
C GLY A 71 -15.50 8.28 2.31
N LEU A 72 -14.93 7.11 2.61
CA LEU A 72 -14.75 6.67 3.98
C LEU A 72 -13.32 6.90 4.49
N THR A 73 -13.19 7.38 5.73
CA THR A 73 -11.88 7.64 6.31
C THR A 73 -11.66 6.97 7.67
N LYS A 74 -12.74 6.43 8.25
CA LYS A 74 -12.64 5.78 9.57
C LYS A 74 -13.80 4.81 9.75
N GLY A 75 -13.66 3.89 10.69
CA GLY A 75 -14.71 2.94 10.96
C GLY A 75 -14.71 1.71 10.07
N LEU A 76 -15.55 0.73 10.43
CA LEU A 76 -15.71 -0.49 9.66
C LEU A 76 -17.01 -0.33 8.89
N HIS A 77 -16.96 -0.52 7.58
CA HIS A 77 -18.14 -0.37 6.73
C HIS A 77 -18.35 -1.60 5.88
N ILE A 78 -19.60 -2.00 5.76
CA ILE A 78 -19.93 -3.15 4.97
C ILE A 78 -21.05 -2.84 4.00
N TRP A 79 -20.92 -3.31 2.77
CA TRP A 79 -21.96 -3.11 1.79
C TRP A 79 -22.08 -4.36 0.95
N GLU A 80 -23.28 -4.58 0.41
CA GLU A 80 -23.53 -5.75 -0.40
C GLU A 80 -23.52 -5.36 -1.85
N ILE A 81 -22.92 -6.20 -2.67
CA ILE A 81 -22.84 -5.98 -4.09
C ILE A 81 -23.64 -7.09 -4.75
N TYR A 82 -24.54 -6.72 -5.66
CA TYR A 82 -25.30 -7.73 -6.40
C TYR A 82 -24.97 -7.54 -7.87
N TRP A 83 -24.26 -8.52 -8.42
CA TRP A 83 -23.83 -8.47 -9.81
C TRP A 83 -24.14 -9.77 -10.53
N PRO A 84 -25.29 -9.83 -11.20
CA PRO A 84 -25.66 -11.06 -11.93
C PRO A 84 -24.44 -11.64 -12.62
N THR A 85 -24.18 -12.91 -12.33
CA THR A 85 -23.05 -13.63 -12.89
C THR A 85 -22.93 -13.57 -14.40
N ARG A 86 -24.04 -13.79 -15.07
CA ARG A 86 -24.06 -13.78 -16.52
C ARG A 86 -23.93 -12.37 -17.11
N GLN A 87 -23.65 -11.39 -16.24
CA GLN A 87 -23.49 -10.01 -16.70
C GLN A 87 -22.11 -9.45 -16.36
N ARG A 88 -21.10 -10.31 -16.27
CA ARG A 88 -19.77 -9.84 -15.92
C ARG A 88 -18.78 -9.70 -17.07
N GLY A 89 -18.95 -10.54 -18.09
CA GLY A 89 -18.07 -10.46 -19.24
C GLY A 89 -16.65 -10.87 -18.92
N THR A 90 -15.71 -10.32 -19.67
CA THR A 90 -14.29 -10.62 -19.54
C THR A 90 -13.59 -9.97 -18.34
N HIS A 91 -14.08 -8.81 -17.90
CA HIS A 91 -13.47 -8.12 -16.77
C HIS A 91 -14.50 -7.48 -15.83
N ALA A 92 -14.65 -8.05 -14.64
CA ALA A 92 -15.57 -7.55 -13.63
C ALA A 92 -14.78 -7.43 -12.32
N VAL A 93 -14.53 -6.20 -11.88
CA VAL A 93 -13.74 -5.93 -10.69
C VAL A 93 -14.55 -5.14 -9.67
N VAL A 94 -14.41 -5.50 -8.39
CA VAL A 94 -15.12 -4.83 -7.29
C VAL A 94 -14.13 -4.39 -6.24
N GLY A 95 -14.25 -3.15 -5.74
CA GLY A 95 -13.30 -2.70 -4.74
C GLY A 95 -13.54 -1.30 -4.21
N VAL A 96 -12.46 -0.55 -4.03
CA VAL A 96 -12.53 0.82 -3.52
C VAL A 96 -11.42 1.63 -4.15
N CYS A 97 -11.50 2.96 -4.03
CA CYS A 97 -10.50 3.82 -4.64
C CYS A 97 -10.47 5.24 -4.05
N THR A 98 -9.48 6.02 -4.45
CA THR A 98 -9.44 7.40 -3.99
C THR A 98 -10.31 8.15 -4.99
N ALA A 99 -10.54 9.41 -4.72
CA ALA A 99 -11.36 10.23 -5.60
C ALA A 99 -10.67 10.46 -6.92
N ASP A 100 -9.37 10.17 -6.99
CA ASP A 100 -8.61 10.38 -8.22
C ASP A 100 -8.58 9.25 -9.24
N ALA A 101 -9.05 8.07 -8.84
CA ALA A 101 -9.06 6.95 -9.76
C ALA A 101 -9.86 7.26 -11.02
N PRO A 102 -9.32 6.89 -12.19
CA PRO A 102 -10.03 7.14 -13.46
C PRO A 102 -11.28 6.27 -13.51
N LEU A 103 -12.36 6.83 -14.05
CA LEU A 103 -13.63 6.13 -14.15
C LEU A 103 -13.81 5.48 -15.51
N HIS A 104 -12.87 5.71 -16.41
CA HIS A 104 -12.96 5.14 -17.75
C HIS A 104 -11.61 4.91 -18.44
N SER A 105 -11.60 3.94 -19.35
CA SER A 105 -10.42 3.61 -20.13
C SER A 105 -10.91 3.00 -21.43
N VAL A 106 -10.06 3.07 -22.44
CA VAL A 106 -10.40 2.51 -23.75
C VAL A 106 -10.01 1.05 -23.74
N GLY A 107 -10.82 0.22 -24.36
CA GLY A 107 -10.54 -1.20 -24.37
C GLY A 107 -11.12 -1.88 -23.15
N TYR A 108 -10.95 -3.18 -23.07
CA TYR A 108 -11.46 -3.97 -21.96
C TYR A 108 -10.38 -4.44 -21.02
N GLN A 109 -10.52 -4.11 -19.74
CA GLN A 109 -9.57 -4.59 -18.74
C GLN A 109 -10.04 -4.34 -17.32
N SER A 110 -9.28 -4.88 -16.37
CA SER A 110 -9.60 -4.73 -14.96
C SER A 110 -9.14 -3.35 -14.53
N LEU A 111 -9.93 -2.33 -14.91
CA LEU A 111 -9.59 -0.95 -14.58
C LEU A 111 -9.40 -0.70 -13.09
N VAL A 112 -10.33 -1.22 -12.27
CA VAL A 112 -10.19 -1.05 -10.82
C VAL A 112 -8.98 -1.90 -10.42
N GLY A 113 -8.04 -1.29 -9.72
CA GLY A 113 -6.84 -2.00 -9.32
C GLY A 113 -5.70 -1.80 -10.31
N SER A 114 -5.96 -1.06 -11.39
CA SER A 114 -4.95 -0.83 -12.44
C SER A 114 -3.89 0.20 -12.10
N THR A 115 -4.19 1.14 -11.20
CA THR A 115 -3.21 2.14 -10.77
C THR A 115 -3.14 2.13 -9.26
N GLU A 116 -2.26 2.95 -8.69
CA GLU A 116 -2.13 3.00 -7.24
C GLU A 116 -3.31 3.71 -6.58
N GLN A 117 -4.24 4.20 -7.38
CA GLN A 117 -5.40 4.92 -6.85
C GLN A 117 -6.62 4.04 -6.54
N SER A 118 -6.55 2.76 -6.87
CA SER A 118 -7.68 1.88 -6.59
C SER A 118 -7.21 0.48 -6.18
N TRP A 119 -8.12 -0.29 -5.58
CA TRP A 119 -7.86 -1.65 -5.11
C TRP A 119 -9.08 -2.47 -5.50
N GLY A 120 -8.88 -3.57 -6.19
CA GLY A 120 -10.04 -4.34 -6.59
C GLY A 120 -9.87 -5.83 -6.69
N TRP A 121 -10.99 -6.53 -6.68
CA TRP A 121 -11.01 -7.99 -6.78
C TRP A 121 -11.72 -8.37 -8.08
N ASP A 122 -10.96 -8.96 -9.01
CA ASP A 122 -11.51 -9.40 -10.29
C ASP A 122 -12.29 -10.68 -10.01
N LEU A 123 -13.62 -10.59 -10.15
CA LEU A 123 -14.49 -11.72 -9.87
C LEU A 123 -14.37 -12.88 -10.84
N GLY A 124 -13.81 -12.62 -12.02
CA GLY A 124 -13.65 -13.69 -12.99
C GLY A 124 -12.33 -14.42 -12.82
N ARG A 125 -11.28 -13.67 -12.47
CA ARG A 125 -9.96 -14.25 -12.30
C ARG A 125 -9.61 -14.58 -10.86
N ASN A 126 -10.48 -14.20 -9.92
CA ASN A 126 -10.21 -14.47 -8.52
C ASN A 126 -8.85 -13.88 -8.18
N LYS A 127 -8.62 -12.65 -8.59
CA LYS A 127 -7.36 -11.98 -8.32
C LYS A 127 -7.50 -10.55 -7.81
N LEU A 128 -6.60 -10.18 -6.91
CA LEU A 128 -6.57 -8.86 -6.32
C LEU A 128 -5.61 -7.97 -7.11
N TYR A 129 -6.07 -6.78 -7.48
CA TYR A 129 -5.26 -5.85 -8.23
C TYR A 129 -5.12 -4.51 -7.53
N HIS A 130 -3.92 -3.96 -7.57
CA HIS A 130 -3.63 -2.64 -7.02
C HIS A 130 -2.34 -2.23 -7.69
N ASP A 131 -2.35 -1.06 -8.31
CA ASP A 131 -1.17 -0.57 -9.04
C ASP A 131 -0.72 -1.68 -10.01
N SER A 132 -1.73 -2.28 -10.64
CA SER A 132 -1.63 -3.37 -11.60
C SER A 132 -0.51 -3.22 -12.62
N LYS A 133 -0.30 -2.00 -13.08
CA LYS A 133 0.75 -1.70 -14.05
C LYS A 133 2.10 -2.16 -13.54
N ASN A 134 2.33 -1.97 -12.23
CA ASN A 134 3.60 -2.32 -11.62
C ASN A 134 3.58 -3.59 -10.78
N CYS A 135 2.41 -3.97 -10.28
CA CYS A 135 2.31 -5.14 -9.41
C CYS A 135 1.52 -6.31 -9.99
N ALA A 136 2.00 -7.51 -9.71
CA ALA A 136 1.36 -8.73 -10.17
C ALA A 136 0.12 -9.01 -9.34
N GLY A 137 -0.91 -9.57 -9.95
CA GLY A 137 -2.12 -9.87 -9.22
C GLY A 137 -1.91 -10.97 -8.17
N VAL A 138 -2.78 -11.02 -7.18
CA VAL A 138 -2.69 -12.03 -6.13
C VAL A 138 -3.98 -12.84 -6.05
N THR A 139 -3.86 -14.16 -6.11
CA THR A 139 -5.03 -15.03 -6.06
C THR A 139 -5.80 -14.82 -4.78
N TYR A 140 -7.13 -14.86 -4.87
CA TYR A 140 -7.99 -14.65 -3.71
C TYR A 140 -9.40 -15.11 -4.06
N PRO A 141 -10.01 -15.94 -3.21
CA PRO A 141 -9.44 -16.46 -1.96
C PRO A 141 -8.30 -17.45 -2.22
N ALA A 142 -7.41 -17.59 -1.24
CA ALA A 142 -6.27 -18.50 -1.34
C ALA A 142 -6.74 -19.93 -1.58
N ILE A 143 -6.34 -20.51 -2.70
CA ILE A 143 -6.73 -21.87 -3.04
C ILE A 143 -6.15 -22.91 -2.07
N LEU A 144 -6.93 -23.94 -1.77
CA LEU A 144 -6.51 -25.00 -0.84
C LEU A 144 -7.15 -26.35 -1.19
N LYS A 145 -8.33 -26.30 -1.80
CA LYS A 145 -9.06 -27.50 -2.16
C LYS A 145 -9.35 -27.57 -3.66
N ASN A 146 -10.63 -27.75 -3.98
CA ASN A 146 -11.09 -27.83 -5.36
C ASN A 146 -12.62 -27.86 -5.39
N PHE A 150 -13.19 -21.98 -7.51
CA PHE A 150 -14.01 -21.06 -6.69
C PHE A 150 -14.72 -20.05 -7.57
N LEU A 151 -16.05 -20.06 -7.55
CA LEU A 151 -16.83 -19.13 -8.33
C LEU A 151 -17.47 -18.09 -7.42
N VAL A 152 -17.43 -16.83 -7.83
CA VAL A 152 -18.04 -15.77 -7.03
C VAL A 152 -19.51 -15.69 -7.43
N PRO A 153 -20.40 -15.89 -6.45
CA PRO A 153 -21.84 -15.86 -6.67
C PRO A 153 -22.36 -14.46 -7.02
N ASP A 154 -23.65 -14.39 -7.34
CA ASP A 154 -24.32 -13.14 -7.70
C ASP A 154 -24.18 -12.02 -6.66
N LYS A 155 -24.26 -12.40 -5.40
CA LYS A 155 -24.17 -11.44 -4.30
C LYS A 155 -23.08 -11.82 -3.31
N PHE A 156 -22.53 -10.81 -2.65
CA PHE A 156 -21.51 -11.02 -1.65
C PHE A 156 -21.28 -9.69 -0.96
N LEU A 157 -20.52 -9.72 0.14
CA LEU A 157 -20.27 -8.50 0.91
C LEU A 157 -18.85 -7.99 0.83
N VAL A 158 -18.73 -6.68 0.95
CA VAL A 158 -17.43 -6.02 0.93
C VAL A 158 -17.29 -5.37 2.29
N ALA A 159 -16.13 -5.52 2.92
CA ALA A 159 -15.89 -4.96 4.24
C ALA A 159 -14.60 -4.14 4.27
N LEU A 160 -14.76 -2.83 4.44
CA LEU A 160 -13.64 -1.92 4.48
C LEU A 160 -13.39 -1.46 5.92
N ASP A 161 -12.26 -1.83 6.48
CA ASP A 161 -11.95 -1.43 7.84
C ASP A 161 -10.92 -0.33 7.75
N MET A 162 -11.39 0.92 7.82
CA MET A 162 -10.51 2.07 7.74
C MET A 162 -9.72 2.30 9.01
N ASP A 163 -10.16 1.71 10.12
CA ASP A 163 -9.42 1.85 11.37
C ASP A 163 -8.15 1.00 11.25
N GLU A 164 -8.30 -0.23 10.74
CA GLU A 164 -7.17 -1.12 10.55
C GLU A 164 -6.52 -0.95 9.17
N GLY A 165 -7.25 -0.33 8.24
CA GLY A 165 -6.71 -0.12 6.91
C GLY A 165 -6.71 -1.38 6.06
N THR A 166 -7.83 -2.10 6.06
CA THR A 166 -7.96 -3.33 5.29
C THR A 166 -9.26 -3.38 4.50
N LEU A 167 -9.30 -4.29 3.53
CA LEU A 167 -10.47 -4.53 2.71
C LEU A 167 -10.59 -6.04 2.70
N SER A 168 -11.81 -6.56 2.89
CA SER A 168 -12.06 -7.99 2.93
C SER A 168 -13.41 -8.26 2.29
N PHE A 169 -13.63 -9.52 1.92
CA PHE A 169 -14.88 -9.92 1.30
C PHE A 169 -15.52 -11.12 2.02
N ILE A 170 -16.84 -11.19 1.98
CA ILE A 170 -17.55 -12.28 2.61
C ILE A 170 -18.50 -12.85 1.58
N VAL A 171 -18.22 -14.09 1.18
CA VAL A 171 -19.01 -14.77 0.16
C VAL A 171 -19.72 -15.97 0.78
N ASP A 172 -21.02 -16.12 0.51
CA ASP A 172 -21.79 -17.23 1.05
C ASP A 172 -21.64 -17.31 2.57
N GLN A 173 -21.69 -16.15 3.22
CA GLN A 173 -21.56 -16.06 4.67
C GLN A 173 -20.19 -16.47 5.20
N GLN A 174 -19.22 -16.67 4.30
CA GLN A 174 -17.87 -17.04 4.71
C GLN A 174 -16.89 -15.89 4.53
N TYR A 175 -16.17 -15.58 5.60
CA TYR A 175 -15.17 -14.52 5.58
C TYR A 175 -14.04 -15.07 4.73
N LEU A 176 -13.66 -14.34 3.68
CA LEU A 176 -12.59 -14.82 2.81
C LEU A 176 -11.21 -14.34 3.25
N GLY A 177 -11.18 -13.50 4.27
CA GLY A 177 -9.90 -13.02 4.76
C GLY A 177 -9.53 -11.66 4.21
N ILE A 178 -8.51 -11.06 4.79
CA ILE A 178 -8.05 -9.75 4.35
C ILE A 178 -7.51 -9.82 2.92
N ALA A 179 -7.98 -8.92 2.07
CA ALA A 179 -7.51 -8.89 0.69
C ALA A 179 -6.42 -7.83 0.51
N PHE A 180 -6.63 -6.66 1.09
CA PHE A 180 -5.65 -5.58 1.00
C PHE A 180 -5.38 -4.96 2.36
N ARG A 181 -4.14 -4.46 2.53
CA ARG A 181 -3.72 -3.77 3.74
C ARG A 181 -3.11 -2.42 3.34
N GLY A 182 -2.87 -1.55 4.31
CA GLY A 182 -2.26 -0.26 4.03
C GLY A 182 -3.19 0.84 3.57
N LEU A 183 -4.47 0.73 3.88
CA LEU A 183 -5.45 1.72 3.46
C LEU A 183 -5.61 2.86 4.46
N ARG A 184 -5.02 2.70 5.64
CA ARG A 184 -5.13 3.70 6.69
C ARG A 184 -4.71 5.10 6.24
N GLY A 185 -5.49 6.11 6.65
CA GLY A 185 -5.18 7.48 6.32
C GLY A 185 -5.75 7.97 4.98
N LYS A 186 -6.45 7.09 4.28
CA LYS A 186 -7.00 7.48 2.99
C LYS A 186 -8.51 7.73 3.10
N LYS A 187 -9.07 8.21 2.00
CA LYS A 187 -10.50 8.48 1.90
C LYS A 187 -10.91 7.60 0.72
N LEU A 188 -11.55 6.49 1.01
CA LEU A 188 -11.93 5.54 -0.01
C LEU A 188 -13.41 5.41 -0.32
N TYR A 189 -13.68 5.29 -1.62
CA TYR A 189 -15.03 5.18 -2.11
C TYR A 189 -15.29 3.81 -2.70
N PRO A 190 -16.53 3.32 -2.62
CA PRO A 190 -16.82 2.01 -3.20
C PRO A 190 -16.73 2.25 -4.70
N ILE A 191 -16.27 1.26 -5.46
CA ILE A 191 -16.17 1.41 -6.90
C ILE A 191 -16.25 0.05 -7.57
N VAL A 192 -16.65 0.06 -8.84
CA VAL A 192 -16.77 -1.14 -9.66
C VAL A 192 -16.26 -0.82 -11.07
N SER A 193 -15.73 -1.84 -11.74
CA SER A 193 -15.21 -1.71 -13.09
C SER A 193 -15.95 -2.75 -13.93
N ALA A 194 -16.65 -2.30 -14.97
CA ALA A 194 -17.42 -3.22 -15.81
C ALA A 194 -17.24 -2.96 -17.30
N VAL A 195 -17.53 -3.99 -18.11
CA VAL A 195 -17.39 -3.89 -19.56
C VAL A 195 -18.56 -4.56 -20.30
N TRP A 196 -19.47 -5.13 -19.54
CA TRP A 196 -20.61 -5.82 -20.13
C TRP A 196 -21.75 -4.89 -20.49
N GLY A 197 -22.30 -5.07 -21.69
CA GLY A 197 -23.40 -4.24 -22.14
C GLY A 197 -24.70 -4.50 -21.41
N HIS A 198 -25.28 -3.45 -20.84
CA HIS A 198 -26.54 -3.56 -20.12
C HIS A 198 -26.45 -4.23 -18.75
N CYS A 199 -25.25 -4.39 -18.22
CA CYS A 199 -25.13 -5.01 -16.91
C CYS A 199 -25.71 -4.05 -15.89
N GLU A 200 -26.27 -4.60 -14.82
CA GLU A 200 -26.82 -3.79 -13.75
C GLU A 200 -26.20 -4.30 -12.44
N ILE A 201 -25.57 -3.38 -11.72
CA ILE A 201 -24.92 -3.71 -10.46
C ILE A 201 -25.57 -2.96 -9.34
N THR A 202 -25.97 -3.69 -8.30
CA THR A 202 -26.63 -3.09 -7.15
C THR A 202 -25.75 -3.06 -5.92
N MET A 203 -25.65 -1.88 -5.31
CA MET A 203 -24.87 -1.74 -4.08
C MET A 203 -25.79 -1.26 -2.98
N ARG A 204 -25.83 -2.03 -1.90
CA ARG A 204 -26.66 -1.74 -0.75
C ARG A 204 -25.81 -1.73 0.52
N TYR A 205 -25.61 -0.53 1.06
CA TYR A 205 -24.84 -0.34 2.29
C TYR A 205 -25.52 -1.16 3.38
N ILE A 206 -24.72 -1.88 4.17
CA ILE A 206 -25.25 -2.71 5.26
C ILE A 206 -25.14 -1.99 6.60
N GLY A 207 -24.02 -1.32 6.81
CA GLY A 207 -23.83 -0.60 8.06
C GLY A 207 -22.39 -0.20 8.36
N GLY A 208 -22.24 0.76 9.27
CA GLY A 208 -20.94 1.22 9.68
C GLY A 208 -20.77 1.06 11.18
N LEU A 209 -19.57 0.68 11.60
CA LEU A 209 -19.29 0.50 13.02
C LEU A 209 -18.21 1.49 13.43
N VAL A 210 -18.53 2.36 14.40
CA VAL A 210 -17.59 3.36 14.87
C VAL A 210 -16.59 2.84 15.90
N ASP A 211 -16.81 1.62 16.39
CA ASP A 211 -15.93 0.99 17.39
C ASP A 211 -14.65 1.74 17.72
N VAL B 11 17.60 20.46 -8.28
CA VAL B 11 16.45 21.41 -8.35
C VAL B 11 15.74 21.46 -7.00
N LYS B 12 16.45 21.90 -5.96
CA LYS B 12 15.90 21.97 -4.62
C LYS B 12 14.49 22.54 -4.61
N PRO B 13 13.58 21.90 -3.84
CA PRO B 13 12.18 22.33 -3.73
C PRO B 13 11.99 23.47 -2.72
N ALA B 14 10.74 23.73 -2.37
CA ALA B 14 10.40 24.81 -1.45
C ALA B 14 10.94 24.65 -0.03
N ARG B 15 10.12 24.09 0.84
CA ARG B 15 10.48 23.90 2.25
C ARG B 15 11.81 23.24 2.54
N ILE B 16 12.32 22.42 1.63
CA ILE B 16 13.59 21.76 1.87
C ILE B 16 14.73 22.77 2.07
N ASP B 17 14.77 23.79 1.22
CA ASP B 17 15.80 24.80 1.36
C ASP B 17 15.64 25.50 2.70
N ILE B 18 14.39 25.86 3.02
CA ILE B 18 14.08 26.54 4.26
C ILE B 18 14.51 25.72 5.48
N LEU B 19 14.27 24.41 5.41
CA LEU B 19 14.62 23.51 6.50
C LEU B 19 16.14 23.36 6.58
N LEU B 20 16.79 23.36 5.42
CA LEU B 20 18.24 23.23 5.35
C LEU B 20 18.91 24.54 5.75
N ASP B 21 18.27 25.64 5.41
CA ASP B 21 18.79 26.96 5.74
C ASP B 21 19.03 27.03 7.24
N MET B 22 17.99 26.74 8.00
CA MET B 22 18.08 26.76 9.46
C MET B 22 19.34 26.08 9.95
N PRO B 23 19.81 26.44 11.15
CA PRO B 23 21.01 25.83 11.71
C PRO B 23 20.81 24.33 11.94
N PRO B 24 21.88 23.60 12.28
CA PRO B 24 21.73 22.17 12.53
C PRO B 24 20.76 21.90 13.68
N ALA B 25 20.27 20.67 13.76
CA ALA B 25 19.35 20.29 14.80
C ALA B 25 20.08 20.08 16.13
N SER B 26 19.46 20.53 17.22
CA SER B 26 20.04 20.40 18.54
C SER B 26 20.61 18.99 18.70
N ARG B 27 21.64 18.86 19.54
CA ARG B 27 22.21 17.54 19.75
C ARG B 27 21.12 16.71 20.43
N ASP B 28 20.17 17.40 21.04
CA ASP B 28 19.07 16.75 21.74
C ASP B 28 18.10 16.10 20.77
N LEU B 29 17.63 16.88 19.80
CA LEU B 29 16.70 16.37 18.80
C LEU B 29 17.26 15.10 18.19
N GLN B 30 18.50 15.17 17.74
CA GLN B 30 19.17 14.03 17.13
C GLN B 30 19.00 12.76 17.96
N LEU B 31 19.17 12.88 19.26
CA LEU B 31 19.05 11.71 20.14
C LEU B 31 17.60 11.25 20.27
N LYS B 32 16.66 12.18 20.15
CA LYS B 32 15.25 11.82 20.26
C LYS B 32 14.80 11.05 19.02
N HIS B 33 15.41 11.37 17.89
CA HIS B 33 15.10 10.73 16.61
C HIS B 33 16.14 9.67 16.23
N SER B 34 16.97 9.26 17.19
CA SER B 34 18.01 8.26 16.90
C SER B 34 17.47 6.83 16.80
N TRP B 35 18.34 5.90 16.41
CA TRP B 35 17.96 4.50 16.30
C TRP B 35 17.37 4.03 17.63
N ASN B 36 16.24 3.35 17.55
CA ASN B 36 15.56 2.83 18.73
C ASN B 36 16.14 1.49 19.16
N SER B 37 16.90 1.50 20.24
CA SER B 37 17.52 0.29 20.75
C SER B 37 16.47 -0.72 21.20
N GLU B 38 15.22 -0.29 21.29
CA GLU B 38 14.15 -1.19 21.71
C GLU B 38 13.19 -1.52 20.56
N ASP B 39 13.66 -1.31 19.33
CA ASP B 39 12.89 -1.61 18.12
C ASP B 39 13.96 -1.94 17.08
N ARG B 40 14.56 -3.11 17.23
CA ARG B 40 15.64 -3.51 16.35
C ARG B 40 15.71 -5.03 16.24
N SER B 41 16.54 -5.49 15.33
CA SER B 41 16.78 -6.91 15.16
C SER B 41 17.85 -7.17 16.22
N LEU B 42 17.73 -8.26 16.97
CA LEU B 42 18.71 -8.54 18.00
C LEU B 42 20.13 -8.74 17.45
N ASN B 43 20.26 -8.79 16.12
CA ASN B 43 21.58 -8.96 15.53
C ASN B 43 22.24 -7.61 15.28
N ILE B 44 21.56 -6.56 15.72
CA ILE B 44 22.04 -5.20 15.59
C ILE B 44 21.98 -4.52 16.95
N PHE B 45 22.97 -3.69 17.24
CA PHE B 45 22.96 -2.97 18.51
C PHE B 45 23.42 -1.52 18.32
N VAL B 46 22.98 -0.65 19.23
CA VAL B 46 23.36 0.75 19.20
C VAL B 46 24.66 0.86 19.99
N LYS B 47 25.65 1.52 19.42
CA LYS B 47 26.94 1.68 20.09
C LYS B 47 26.82 2.58 21.32
N GLU B 48 27.30 2.09 22.46
CA GLU B 48 27.22 2.87 23.70
C GLU B 48 27.95 4.21 23.60
N ASP B 49 29.09 4.21 22.93
CA ASP B 49 29.88 5.43 22.77
C ASP B 49 29.31 6.34 21.68
N ASP B 50 28.27 5.88 20.99
CA ASP B 50 27.65 6.66 19.92
C ASP B 50 26.20 6.22 19.67
N LYS B 51 25.27 6.81 20.41
CA LYS B 51 23.85 6.47 20.29
C LYS B 51 23.21 6.74 18.93
N LEU B 52 23.94 7.37 18.02
CA LEU B 52 23.40 7.67 16.69
C LEU B 52 23.84 6.65 15.64
N THR B 53 24.63 5.68 16.07
CA THR B 53 25.13 4.67 15.15
C THR B 53 24.87 3.28 15.67
N PHE B 54 24.44 2.40 14.77
CA PHE B 54 24.19 1.02 15.16
C PHE B 54 25.27 0.16 14.52
N HIS B 55 25.50 -1.02 15.10
CA HIS B 55 26.51 -1.95 14.60
C HIS B 55 25.82 -3.29 14.37
N ARG B 56 26.04 -3.89 13.22
CA ARG B 56 25.43 -5.19 12.92
C ARG B 56 26.42 -6.33 13.12
N HIS B 57 26.04 -7.32 13.92
CA HIS B 57 26.88 -8.49 14.17
C HIS B 57 27.06 -9.23 12.85
N PRO B 58 28.16 -9.98 12.69
CA PRO B 58 28.46 -10.74 11.47
C PRO B 58 27.66 -12.01 11.31
N VAL B 59 26.35 -11.92 11.51
CA VAL B 59 25.47 -13.07 11.39
C VAL B 59 25.35 -13.51 9.93
N ALA B 60 25.63 -14.79 9.67
CA ALA B 60 25.57 -15.35 8.33
C ALA B 60 24.12 -15.52 7.84
N GLN B 61 23.92 -15.39 6.53
CA GLN B 61 22.59 -15.55 5.94
C GLN B 61 21.51 -14.84 6.75
N SER B 62 21.70 -13.55 7.01
CA SER B 62 20.74 -12.78 7.77
C SER B 62 20.67 -11.35 7.26
N THR B 63 19.47 -10.77 7.28
CA THR B 63 19.23 -9.39 6.86
C THR B 63 18.56 -8.75 8.08
N ASP B 64 19.08 -7.61 8.52
CA ASP B 64 18.54 -6.98 9.72
C ASP B 64 18.26 -5.49 9.63
N CYS B 65 17.26 -5.05 10.38
CA CYS B 65 16.86 -3.65 10.38
C CYS B 65 16.77 -3.10 11.80
N ILE B 66 16.47 -1.81 11.86
CA ILE B 66 16.28 -1.12 13.13
C ILE B 66 15.53 0.16 12.78
N ARG B 67 14.52 0.48 13.57
CA ARG B 67 13.73 1.68 13.33
C ARG B 67 14.20 2.87 14.15
N GLY B 68 13.87 4.06 13.68
CA GLY B 68 14.20 5.26 14.42
C GLY B 68 13.26 5.26 15.61
N LYS B 69 13.43 6.20 16.54
CA LYS B 69 12.59 6.24 17.73
C LYS B 69 11.22 6.90 17.52
N VAL B 70 11.17 7.90 16.65
CA VAL B 70 9.93 8.63 16.42
C VAL B 70 9.20 8.35 15.11
N GLY B 71 7.98 7.84 15.24
CA GLY B 71 7.17 7.58 14.07
C GLY B 71 6.64 8.93 13.64
N LEU B 72 6.97 9.34 12.42
CA LEU B 72 6.54 10.62 11.89
C LEU B 72 5.12 10.56 11.33
N THR B 73 4.33 11.57 11.68
CA THR B 73 2.95 11.63 11.26
C THR B 73 2.62 12.89 10.47
N LYS B 74 3.46 13.91 10.59
CA LYS B 74 3.24 15.18 9.91
C LYS B 74 4.51 16.00 9.81
N GLY B 75 4.48 17.02 8.98
CA GLY B 75 5.62 17.88 8.81
C GLY B 75 6.64 17.35 7.83
N LEU B 76 7.65 18.17 7.55
CA LEU B 76 8.73 17.81 6.65
C LEU B 76 9.92 17.49 7.55
N HIS B 77 10.51 16.32 7.37
CA HIS B 77 11.64 15.92 8.19
C HIS B 77 12.80 15.43 7.36
N ILE B 78 13.99 15.91 7.68
CA ILE B 78 15.16 15.50 6.93
C ILE B 78 16.24 14.98 7.87
N TRP B 79 16.77 13.79 7.56
CA TRP B 79 17.84 13.24 8.37
C TRP B 79 18.96 12.77 7.48
N GLU B 80 20.15 12.72 8.06
CA GLU B 80 21.32 12.31 7.30
C GLU B 80 21.72 10.88 7.61
N ILE B 81 21.99 10.14 6.55
CA ILE B 81 22.42 8.76 6.67
C ILE B 81 23.87 8.67 6.19
N TYR B 82 24.71 8.04 7.00
CA TYR B 82 26.11 7.84 6.66
C TYR B 82 26.38 6.34 6.68
N TRP B 83 26.51 5.75 5.50
CA TRP B 83 26.73 4.31 5.38
C TRP B 83 28.01 4.08 4.58
N PRO B 84 29.12 3.73 5.26
CA PRO B 84 30.39 3.47 4.57
C PRO B 84 30.15 2.62 3.34
N THR B 85 30.44 3.19 2.17
CA THR B 85 30.26 2.51 0.90
C THR B 85 30.69 1.05 0.94
N ARG B 86 31.84 0.79 1.54
CA ARG B 86 32.41 -0.56 1.63
C ARG B 86 31.79 -1.49 2.68
N GLN B 87 30.76 -1.04 3.38
CA GLN B 87 30.09 -1.87 4.39
C GLN B 87 28.64 -2.07 3.98
N ARG B 88 28.39 -2.07 2.68
CA ARG B 88 27.04 -2.22 2.16
C ARG B 88 26.72 -3.64 1.68
N GLY B 89 27.71 -4.34 1.15
CA GLY B 89 27.49 -5.70 0.70
C GLY B 89 26.45 -5.85 -0.38
N THR B 90 25.81 -7.02 -0.43
CA THR B 90 24.82 -7.32 -1.45
C THR B 90 23.51 -6.55 -1.38
N HIS B 91 23.01 -6.30 -0.18
CA HIS B 91 21.75 -5.59 -0.06
C HIS B 91 21.75 -4.51 1.02
N ALA B 92 21.73 -3.26 0.56
CA ALA B 92 21.72 -2.09 1.42
C ALA B 92 20.54 -1.24 1.01
N VAL B 93 19.55 -1.11 1.89
CA VAL B 93 18.36 -0.34 1.57
C VAL B 93 18.04 0.65 2.68
N VAL B 94 17.62 1.84 2.26
CA VAL B 94 17.26 2.90 3.20
C VAL B 94 15.88 3.45 2.86
N GLY B 95 15.09 3.72 3.89
CA GLY B 95 13.76 4.27 3.66
C GLY B 95 12.98 4.54 4.94
N VAL B 96 11.68 4.31 4.87
CA VAL B 96 10.81 4.51 6.02
C VAL B 96 9.86 3.32 6.07
N CYS B 97 9.09 3.21 7.15
CA CYS B 97 8.17 2.07 7.28
C CYS B 97 7.19 2.26 8.42
N THR B 98 6.20 1.37 8.47
CA THR B 98 5.21 1.40 9.53
C THR B 98 5.77 0.62 10.72
N ALA B 99 5.09 0.69 11.85
CA ALA B 99 5.53 -0.01 13.05
C ALA B 99 5.37 -1.52 12.87
N ASP B 100 4.65 -1.93 11.83
CA ASP B 100 4.40 -3.34 11.58
C ASP B 100 5.44 -4.01 10.69
N ALA B 101 6.24 -3.21 9.98
CA ALA B 101 7.26 -3.77 9.10
C ALA B 101 8.21 -4.64 9.92
N PRO B 102 8.51 -5.86 9.43
CA PRO B 102 9.41 -6.78 10.13
C PRO B 102 10.86 -6.26 10.06
N LEU B 103 11.64 -6.55 11.09
CA LEU B 103 13.02 -6.08 11.17
C LEU B 103 14.07 -7.13 10.87
N HIS B 104 13.68 -8.25 10.29
CA HIS B 104 14.65 -9.31 10.03
C HIS B 104 14.12 -10.38 9.11
N SER B 105 15.03 -11.01 8.39
CA SER B 105 14.64 -12.09 7.50
C SER B 105 15.83 -13.04 7.37
N VAL B 106 15.53 -14.29 7.06
CA VAL B 106 16.55 -15.30 6.86
C VAL B 106 17.09 -15.07 5.47
N GLY B 107 18.42 -15.13 5.31
CA GLY B 107 19.01 -14.92 4.01
C GLY B 107 19.29 -13.47 3.73
N TYR B 108 19.99 -13.20 2.63
CA TYR B 108 20.32 -11.84 2.24
C TYR B 108 19.30 -11.33 1.22
N GLN B 109 18.66 -10.20 1.53
CA GLN B 109 17.69 -9.62 0.62
C GLN B 109 17.47 -8.14 0.91
N SER B 110 16.69 -7.49 0.04
CA SER B 110 16.35 -6.08 0.23
C SER B 110 15.09 -6.11 1.06
N LEU B 111 15.25 -6.26 2.38
CA LEU B 111 14.12 -6.33 3.29
C LEU B 111 13.23 -5.09 3.25
N VAL B 112 13.83 -3.91 3.38
CA VAL B 112 13.03 -2.68 3.34
C VAL B 112 12.45 -2.54 1.95
N GLY B 113 11.13 -2.44 1.88
CA GLY B 113 10.44 -2.33 0.61
C GLY B 113 9.89 -3.67 0.16
N SER B 114 9.99 -4.68 1.03
CA SER B 114 9.51 -6.04 0.74
C SER B 114 8.01 -6.20 0.70
N THR B 115 7.31 -5.46 1.55
CA THR B 115 5.86 -5.55 1.64
C THR B 115 5.27 -4.14 1.61
N GLU B 116 3.96 -4.03 1.73
CA GLU B 116 3.32 -2.73 1.70
C GLU B 116 3.60 -1.97 2.99
N GLN B 117 4.32 -2.60 3.91
CA GLN B 117 4.64 -1.98 5.19
C GLN B 117 5.88 -1.08 5.18
N SER B 118 6.67 -1.14 4.10
CA SER B 118 7.86 -0.31 4.03
C SER B 118 8.16 0.21 2.62
N TRP B 119 9.00 1.24 2.57
CA TRP B 119 9.42 1.90 1.34
C TRP B 119 10.91 2.09 1.39
N GLY B 120 11.65 1.58 0.41
CA GLY B 120 13.09 1.72 0.45
C GLY B 120 13.81 1.93 -0.85
N TRP B 121 15.02 2.48 -0.75
CA TRP B 121 15.88 2.73 -1.90
C TRP B 121 17.13 1.88 -1.77
N ASP B 122 17.26 0.88 -2.64
CA ASP B 122 18.41 -0.01 -2.65
C ASP B 122 19.62 0.76 -3.17
N LEU B 123 20.51 1.12 -2.25
CA LEU B 123 21.72 1.90 -2.55
C LEU B 123 22.68 1.31 -3.58
N GLY B 124 22.66 -0.01 -3.75
CA GLY B 124 23.56 -0.63 -4.70
C GLY B 124 22.96 -0.85 -6.09
N ARG B 125 21.63 -0.96 -6.15
CA ARG B 125 20.96 -1.18 -7.43
C ARG B 125 20.22 0.04 -7.96
N ASN B 126 20.27 1.15 -7.24
CA ASN B 126 19.56 2.36 -7.66
C ASN B 126 18.13 1.94 -8.03
N LYS B 127 17.48 1.20 -7.13
CA LYS B 127 16.11 0.74 -7.35
C LYS B 127 15.25 1.08 -6.15
N LEU B 128 13.99 1.43 -6.41
CA LEU B 128 13.07 1.76 -5.35
C LEU B 128 12.19 0.54 -5.14
N TYR B 129 11.88 0.23 -3.89
CA TYR B 129 11.06 -0.93 -3.59
C TYR B 129 9.93 -0.62 -2.62
N HIS B 130 8.76 -1.19 -2.92
CA HIS B 130 7.58 -1.06 -2.09
C HIS B 130 6.70 -2.27 -2.40
N ASP B 131 6.45 -3.09 -1.39
CA ASP B 131 5.67 -4.34 -1.56
C ASP B 131 6.35 -5.11 -2.69
N SER B 132 7.67 -5.15 -2.59
CA SER B 132 8.55 -5.81 -3.54
C SER B 132 8.14 -7.25 -3.88
N LYS B 133 7.42 -7.91 -2.99
CA LYS B 133 7.03 -9.29 -3.27
C LYS B 133 6.03 -9.38 -4.43
N ASN B 134 5.39 -8.27 -4.76
CA ASN B 134 4.43 -8.27 -5.87
C ASN B 134 4.73 -7.20 -6.89
N CYS B 135 5.42 -6.15 -6.46
CA CYS B 135 5.68 -5.03 -7.36
C CYS B 135 7.11 -4.86 -7.83
N ALA B 136 7.23 -4.48 -9.09
CA ALA B 136 8.53 -4.26 -9.72
C ALA B 136 9.24 -3.07 -9.09
N GLY B 137 10.57 -3.13 -9.10
CA GLY B 137 11.33 -2.03 -8.55
C GLY B 137 11.30 -0.95 -9.62
N VAL B 138 11.68 0.26 -9.25
CA VAL B 138 11.70 1.37 -10.19
C VAL B 138 13.05 2.06 -10.04
N THR B 139 13.74 2.23 -11.16
CA THR B 139 15.04 2.88 -11.14
C THR B 139 14.97 4.25 -10.48
N TYR B 140 15.97 4.55 -9.67
CA TYR B 140 16.01 5.84 -8.99
C TYR B 140 17.45 6.15 -8.62
N PRO B 141 17.92 7.35 -8.97
CA PRO B 141 17.12 8.34 -9.68
C PRO B 141 17.00 8.00 -11.16
N ALA B 142 16.10 8.68 -11.86
CA ALA B 142 15.91 8.45 -13.29
C ALA B 142 17.28 8.56 -13.97
N ILE B 143 17.72 7.50 -14.64
CA ILE B 143 19.03 7.48 -15.31
C ILE B 143 19.06 8.33 -16.58
N LEU B 144 20.09 9.17 -16.68
CA LEU B 144 20.30 10.03 -17.84
C LEU B 144 21.24 11.18 -17.48
N ALA B 149 25.73 5.63 -14.04
CA ALA B 149 26.58 5.90 -12.88
C ALA B 149 25.78 6.03 -11.56
N PHE B 150 25.92 7.20 -10.93
CA PHE B 150 25.27 7.53 -9.67
C PHE B 150 25.50 6.54 -8.59
N LEU B 151 26.75 6.47 -8.13
CA LEU B 151 27.13 5.61 -7.03
C LEU B 151 26.71 6.43 -5.82
N VAL B 152 25.77 5.90 -5.04
CA VAL B 152 25.30 6.59 -3.83
C VAL B 152 26.54 6.66 -2.96
N PRO B 153 26.94 7.87 -2.56
CA PRO B 153 28.13 8.09 -1.73
C PRO B 153 27.91 7.71 -0.27
N ASP B 154 28.95 7.87 0.53
CA ASP B 154 28.89 7.55 1.96
C ASP B 154 27.70 8.21 2.64
N LYS B 155 27.58 9.52 2.46
CA LYS B 155 26.49 10.28 3.06
C LYS B 155 25.48 10.77 2.04
N PHE B 156 24.30 11.13 2.54
CA PHE B 156 23.22 11.65 1.73
C PHE B 156 22.07 11.94 2.68
N LEU B 157 21.02 12.56 2.18
CA LEU B 157 19.89 12.91 3.04
C LEU B 157 18.58 12.28 2.63
N VAL B 158 17.76 11.99 3.64
CA VAL B 158 16.45 11.41 3.41
C VAL B 158 15.45 12.51 3.74
N ALA B 159 14.49 12.75 2.85
CA ALA B 159 13.50 13.78 3.07
C ALA B 159 12.10 13.20 3.08
N LEU B 160 11.46 13.23 4.25
CA LEU B 160 10.10 12.68 4.43
C LEU B 160 9.11 13.83 4.62
N ASP B 161 8.21 14.03 3.66
CA ASP B 161 7.22 15.10 3.78
C ASP B 161 5.83 14.51 4.04
N MET B 162 5.48 14.41 5.31
CA MET B 162 4.20 13.85 5.71
C MET B 162 3.02 14.77 5.40
N ASP B 163 3.29 16.03 5.11
CA ASP B 163 2.19 16.93 4.78
C ASP B 163 1.84 16.66 3.32
N GLU B 164 2.88 16.50 2.51
CA GLU B 164 2.72 16.23 1.09
C GLU B 164 2.49 14.72 0.88
N GLY B 165 3.12 13.89 1.69
CA GLY B 165 2.97 12.45 1.56
C GLY B 165 4.01 11.84 0.63
N THR B 166 5.20 12.42 0.60
CA THR B 166 6.27 11.95 -0.27
C THR B 166 7.57 11.67 0.49
N LEU B 167 8.46 10.95 -0.18
CA LEU B 167 9.77 10.60 0.35
C LEU B 167 10.74 10.88 -0.80
N SER B 168 11.87 11.49 -0.49
CA SER B 168 12.85 11.80 -1.53
C SER B 168 14.25 11.91 -0.95
N PHE B 169 15.25 11.76 -1.80
CA PHE B 169 16.64 11.81 -1.35
C PHE B 169 17.48 12.92 -1.96
N ILE B 170 18.49 13.34 -1.21
CA ILE B 170 19.40 14.39 -1.63
C ILE B 170 20.84 13.91 -1.52
N VAL B 171 21.57 13.99 -2.64
CA VAL B 171 22.97 13.57 -2.71
C VAL B 171 23.79 14.75 -3.23
N ASP B 172 24.83 15.13 -2.50
CA ASP B 172 25.68 16.26 -2.88
C ASP B 172 24.82 17.48 -3.25
N GLN B 173 23.92 17.84 -2.35
CA GLN B 173 23.03 18.99 -2.55
C GLN B 173 22.26 18.88 -3.87
N GLN B 174 21.75 17.70 -4.17
CA GLN B 174 20.98 17.49 -5.39
C GLN B 174 19.69 16.77 -5.05
N TYR B 175 18.56 17.36 -5.45
CA TYR B 175 17.26 16.77 -5.19
C TYR B 175 17.04 15.68 -6.25
N LEU B 176 17.17 14.43 -5.85
CA LEU B 176 17.00 13.31 -6.78
C LEU B 176 15.56 13.13 -7.22
N GLY B 177 14.66 13.91 -6.62
CA GLY B 177 13.25 13.83 -6.98
C GLY B 177 12.42 12.99 -6.04
N ILE B 178 11.11 13.03 -6.24
CA ILE B 178 10.17 12.28 -5.43
C ILE B 178 10.35 10.78 -5.67
N ALA B 179 10.65 10.06 -4.59
CA ALA B 179 10.82 8.61 -4.65
C ALA B 179 9.47 7.92 -4.51
N PHE B 180 8.74 8.24 -3.44
CA PHE B 180 7.43 7.63 -3.21
C PHE B 180 6.35 8.67 -2.87
N ARG B 181 5.10 8.32 -3.09
CA ARG B 181 3.96 9.20 -2.82
C ARG B 181 2.88 8.45 -2.05
N GLY B 182 1.82 9.17 -1.70
CA GLY B 182 0.72 8.57 -0.98
C GLY B 182 1.00 8.17 0.45
N LEU B 183 1.96 8.82 1.08
CA LEU B 183 2.31 8.50 2.46
C LEU B 183 1.49 9.23 3.54
N ARG B 184 0.67 10.19 3.13
CA ARG B 184 -0.15 10.94 4.08
C ARG B 184 -1.08 10.02 4.86
N GLY B 185 -1.37 10.38 6.10
CA GLY B 185 -2.27 9.56 6.89
C GLY B 185 -1.61 8.41 7.62
N LYS B 186 -0.33 8.20 7.38
CA LYS B 186 0.41 7.12 8.03
C LYS B 186 1.37 7.63 9.10
N LYS B 187 1.94 6.70 9.87
CA LYS B 187 2.91 7.05 10.90
C LYS B 187 4.15 6.26 10.51
N LEU B 188 5.13 6.96 9.93
CA LEU B 188 6.33 6.33 9.43
C LEU B 188 7.60 6.62 10.22
N TYR B 189 8.41 5.57 10.37
CA TYR B 189 9.67 5.65 11.09
C TYR B 189 10.83 5.44 10.12
N PRO B 190 12.01 5.98 10.44
CA PRO B 190 13.16 5.78 9.56
C PRO B 190 13.59 4.33 9.73
N ILE B 191 14.11 3.72 8.67
CA ILE B 191 14.55 2.35 8.76
C ILE B 191 15.63 2.03 7.73
N VAL B 192 16.37 0.96 8.00
CA VAL B 192 17.43 0.51 7.13
C VAL B 192 17.50 -1.00 7.21
N SER B 193 17.94 -1.65 6.15
CA SER B 193 18.09 -3.09 6.18
C SER B 193 19.52 -3.36 5.71
N ALA B 194 20.26 -4.13 6.49
CA ALA B 194 21.64 -4.43 6.15
C ALA B 194 21.96 -5.92 6.25
N VAL B 195 23.01 -6.32 5.54
CA VAL B 195 23.43 -7.71 5.53
C VAL B 195 24.94 -7.83 5.76
N TRP B 196 25.62 -6.70 5.83
CA TRP B 196 27.08 -6.70 6.00
C TRP B 196 27.59 -6.86 7.44
N GLY B 197 28.54 -7.78 7.62
CA GLY B 197 29.11 -8.02 8.93
C GLY B 197 29.90 -6.81 9.45
N HIS B 198 29.54 -6.35 10.64
CA HIS B 198 30.19 -5.22 11.30
C HIS B 198 29.97 -3.88 10.61
N CYS B 199 28.92 -3.77 9.81
CA CYS B 199 28.66 -2.51 9.15
C CYS B 199 28.13 -1.54 10.20
N GLU B 200 28.48 -0.26 10.08
CA GLU B 200 28.00 0.74 11.02
C GLU B 200 27.31 1.87 10.28
N ILE B 201 26.08 2.15 10.68
CA ILE B 201 25.30 3.18 10.03
C ILE B 201 24.92 4.29 10.99
N THR B 202 25.19 5.52 10.58
CA THR B 202 24.87 6.66 11.41
C THR B 202 23.75 7.47 10.79
N MET B 203 22.77 7.82 11.62
CA MET B 203 21.66 8.63 11.16
C MET B 203 21.51 9.80 12.11
N ARG B 204 21.72 11.01 11.60
CA ARG B 204 21.55 12.19 12.45
C ARG B 204 20.50 13.12 11.90
N TYR B 205 19.48 13.35 12.71
CA TYR B 205 18.35 14.21 12.37
C TYR B 205 18.86 15.61 12.04
N ILE B 206 18.13 16.31 11.17
CA ILE B 206 18.54 17.64 10.77
C ILE B 206 17.52 18.75 11.04
N GLY B 207 16.23 18.45 10.88
CA GLY B 207 15.23 19.48 11.12
C GLY B 207 13.81 19.10 10.75
N GLY B 208 12.86 19.99 11.07
CA GLY B 208 11.46 19.72 10.78
C GLY B 208 10.59 20.85 10.27
N LEU B 209 9.38 20.48 9.81
CA LEU B 209 8.37 21.38 9.26
C LEU B 209 8.92 22.34 8.22
N ASP C 1 -20.49 -7.85 -29.34
CA ASP C 1 -19.18 -8.57 -29.28
C ASP C 1 -19.13 -9.48 -28.06
N ILE C 2 -17.93 -9.92 -27.73
CA ILE C 2 -17.71 -10.81 -26.59
C ILE C 2 -18.33 -10.33 -25.29
N ASN C 3 -18.24 -9.03 -25.02
CA ASN C 3 -18.81 -8.47 -23.79
C ASN C 3 -20.20 -7.88 -23.98
N ASN C 4 -20.92 -8.40 -24.98
CA ASN C 4 -22.28 -7.97 -25.26
C ASN C 4 -22.46 -6.51 -25.66
N ASN C 5 -21.42 -5.90 -26.25
CA ASN C 5 -21.51 -4.51 -26.69
C ASN C 5 -21.66 -4.50 -28.22
N ASN C 6 -21.97 -3.34 -28.79
CA ASN C 6 -22.09 -3.22 -30.24
C ASN C 6 -21.60 -1.84 -30.68
N ASN C 7 -20.99 -1.79 -31.86
CA ASN C 7 -20.44 -0.54 -32.40
C ASN C 7 -21.40 0.56 -32.80
N ILE C 8 -22.71 0.28 -32.78
CA ILE C 8 -23.69 1.29 -33.15
C ILE C 8 -23.88 2.34 -32.05
N VAL C 9 -23.56 1.96 -30.82
CA VAL C 9 -23.71 2.85 -29.68
C VAL C 9 -22.64 3.93 -29.60
N GLU C 10 -23.07 5.15 -29.25
CA GLU C 10 -22.16 6.28 -29.12
C GLU C 10 -21.52 6.23 -27.74
N ASP C 11 -20.19 6.36 -27.70
CA ASP C 11 -19.46 6.33 -26.44
C ASP C 11 -19.25 7.76 -25.95
N VAL C 12 -20.25 8.27 -25.23
CA VAL C 12 -20.20 9.62 -24.71
C VAL C 12 -19.02 9.87 -23.77
N GLU C 13 -18.51 8.80 -23.15
CA GLU C 13 -17.38 8.95 -22.23
C GLU C 13 -16.07 9.20 -22.96
N ARG C 14 -15.97 8.70 -24.19
CA ARG C 14 -14.78 8.89 -25.00
C ARG C 14 -14.80 10.31 -25.57
N LYS C 15 -16.00 10.79 -25.88
CA LYS C 15 -16.17 12.12 -26.43
C LYS C 15 -16.62 13.15 -25.39
N ASP D 1 31.84 -14.57 4.74
CA ASP D 1 31.35 -14.88 3.38
C ASP D 1 31.31 -13.60 2.54
N ILE D 2 30.59 -13.64 1.43
CA ILE D 2 30.50 -12.49 0.55
C ILE D 2 30.07 -11.22 1.30
N ASN D 3 29.26 -11.38 2.35
CA ASN D 3 28.82 -10.22 3.11
C ASN D 3 29.58 -10.00 4.42
N ASN D 4 30.82 -10.44 4.46
CA ASN D 4 31.64 -10.24 5.64
C ASN D 4 31.03 -10.84 6.90
N ASN D 5 30.41 -12.01 6.77
CA ASN D 5 29.81 -12.68 7.90
C ASN D 5 30.47 -14.04 8.06
N ASN D 6 30.23 -14.70 9.19
CA ASN D 6 30.80 -16.00 9.45
C ASN D 6 29.83 -16.80 10.31
N ASN D 7 30.18 -18.03 10.62
CA ASN D 7 29.32 -18.88 11.43
C ASN D 7 29.63 -18.88 12.93
N ILE D 8 30.17 -17.78 13.44
CA ILE D 8 30.49 -17.69 14.85
C ILE D 8 29.28 -17.20 15.64
N VAL D 9 28.91 -15.94 15.44
CA VAL D 9 27.78 -15.38 16.14
C VAL D 9 26.50 -15.97 15.58
N GLU D 10 25.66 -16.50 16.46
CA GLU D 10 24.41 -17.09 16.01
C GLU D 10 23.34 -16.03 15.81
N ASP D 11 22.40 -16.34 14.93
CA ASP D 11 21.29 -15.44 14.66
C ASP D 11 20.44 -15.38 15.91
N VAL D 12 20.74 -14.43 16.79
CA VAL D 12 20.00 -14.27 18.02
C VAL D 12 18.57 -13.81 17.79
N GLU D 13 18.34 -13.16 16.65
CA GLU D 13 17.01 -12.67 16.32
C GLU D 13 16.03 -13.82 16.11
N ARG D 14 16.48 -14.87 15.40
CA ARG D 14 15.63 -16.02 15.14
C ARG D 14 14.90 -16.45 16.41
N LYS D 15 15.59 -16.32 17.54
CA LYS D 15 15.05 -16.72 18.83
C LYS D 15 14.02 -15.77 19.46
N ARG D 16 14.07 -14.49 19.08
CA ARG D 16 13.13 -13.51 19.63
C ARG D 16 11.78 -13.54 18.93
N GLU D 17 11.80 -13.84 17.64
CA GLU D 17 10.59 -13.92 16.84
C GLU D 17 10.63 -15.18 16.02
N PHE D 18 9.54 -15.49 15.34
CA PHE D 18 9.46 -16.67 14.49
C PHE D 18 9.48 -16.24 13.03
N TYR D 19 10.39 -16.82 12.25
CA TYR D 19 10.51 -16.49 10.83
C TYR D 19 10.40 -17.74 9.97
N ILE D 20 9.56 -17.68 8.94
CA ILE D 20 9.32 -18.78 8.01
C ILE D 20 8.35 -19.82 8.60
#